data_3ICK
#
_entry.id   3ICK
#
_cell.length_a   58.100
_cell.length_b   58.100
_cell.length_c   390.567
_cell.angle_alpha   90.00
_cell.angle_beta   90.00
_cell.angle_gamma   120.00
#
_symmetry.space_group_name_H-M   'P 61 2 2'
#
loop_
_entity.id
_entity.type
_entity.pdbx_description
1 polymer 'Farnesyl pyrophosphate synthase'
2 non-polymer 'ACETIC ACID'
3 non-polymer '(1-HYDROXY-2-IMIDAZO[1,2-A]PYRIDIN-3-YLETHANE-1,1-DIYL)BIS(PHOSPHONIC ACID)'
4 non-polymer 'SULFATE ION'
5 non-polymer '3-METHYLBUT-3-ENYL TRIHYDROGEN DIPHOSPHATE'
6 non-polymer 'MAGNESIUM ION'
7 water water
#
_entity_poly.entity_id   1
_entity_poly.type   'polypeptide(L)'
_entity_poly.pdbx_seq_one_letter_code
;MASMERFLSVYDEVQAFLLDQLQSKYEIDPNRARYLRIMMDTTCLGGKYFRGMTVVNVAEGFLAVTQHDEATKERILHDA
CVGGWMIEFLQAHYLVEDDIMDGSVMRRGKPCWYRFPGVTTQCAINDGIILKSWTQIMAWHYFADRPFLKDLLCLFQKVD
YATAVGQMYDVTSMCDSNKLDPEVAQPMTTDFAEFTPAIYKRIVKYKTTFYTYLLPLVMGLFVSEAAASVEMNLVERVAH
LIGEYFQVQDDVMDCFTPPEQLGKVGTDIEDAKCSWLAVTFLGKANAAQVAEFKANYGDKDPAKVAVVKRLYSEANLQAD
FAAYEAEVVREVESLIEQLKVKSPTFAESVAVVWEKTHKRKK
;
_entity_poly.pdbx_strand_id   A
#
loop_
_chem_comp.id
_chem_comp.type
_chem_comp.name
_chem_comp.formula
ACY non-polymer 'ACETIC ACID' 'C2 H4 O2'
IPE non-polymer '3-METHYLBUT-3-ENYL TRIHYDROGEN DIPHOSPHATE' 'C5 H12 O7 P2'
M0N non-polymer '(1-HYDROXY-2-IMIDAZO[1,2-A]PYRIDIN-3-YLETHANE-1,1-DIYL)BIS(PHOSPHONIC ACID)' 'C9 H12 N2 O7 P2'
MG non-polymer 'MAGNESIUM ION' 'Mg 2'
SO4 non-polymer 'SULFATE ION' 'O4 S -2'
#
# COMPACT_ATOMS: atom_id res chain seq x y z
N MET A 1 -1.30 20.11 8.92
CA MET A 1 0.19 20.06 8.99
C MET A 1 0.92 20.81 7.83
N ALA A 2 1.98 21.52 8.18
CA ALA A 2 2.64 22.43 7.25
C ALA A 2 3.61 21.78 6.27
N SER A 3 3.85 20.47 6.34
CA SER A 3 4.71 19.77 5.38
C SER A 3 3.85 19.02 4.32
N MET A 4 2.74 18.45 4.80
CA MET A 4 1.57 18.03 4.00
C MET A 4 1.12 19.00 2.88
N GLU A 5 0.93 20.27 3.25
CA GLU A 5 0.60 21.35 2.31
C GLU A 5 1.68 21.57 1.25
N ARG A 6 2.96 21.52 1.66
CA ARG A 6 4.09 21.68 0.75
C ARG A 6 4.21 20.51 -0.25
N PHE A 7 3.88 19.29 0.22
CA PHE A 7 3.82 18.06 -0.59
C PHE A 7 2.66 18.19 -1.62
N LEU A 8 1.48 18.56 -1.12
CA LEU A 8 0.29 18.79 -1.94
C LEU A 8 0.43 19.90 -2.97
N SER A 9 1.30 20.86 -2.69
CA SER A 9 1.52 21.92 -3.65
C SER A 9 2.29 21.36 -4.82
N VAL A 10 3.20 20.42 -4.57
CA VAL A 10 3.88 19.75 -5.66
C VAL A 10 2.90 18.93 -6.54
N TYR A 11 1.88 18.34 -5.91
CA TYR A 11 0.80 17.72 -6.66
C TYR A 11 0.14 18.73 -7.61
N ASP A 12 -0.29 19.86 -7.09
CA ASP A 12 -0.84 20.88 -7.96
C ASP A 12 0.09 21.17 -9.14
N GLU A 13 1.42 21.30 -8.92
CA GLU A 13 2.40 21.46 -10.03
C GLU A 13 2.35 20.34 -11.07
N VAL A 14 2.32 19.12 -10.57
CA VAL A 14 2.36 17.91 -11.34
C VAL A 14 1.06 17.78 -12.09
N GLN A 15 -0.06 18.00 -11.35
CA GLN A 15 -1.38 17.94 -11.99
C GLN A 15 -1.46 18.94 -13.11
N ALA A 16 -0.89 20.12 -12.92
CA ALA A 16 -0.99 21.16 -13.93
C ALA A 16 -0.20 20.74 -15.15
N PHE A 17 1.02 20.27 -14.92
CA PHE A 17 1.84 19.83 -16.01
C PHE A 17 1.14 18.73 -16.77
N LEU A 18 0.62 17.71 -16.07
CA LEU A 18 0.00 16.58 -16.76
C LEU A 18 -1.16 17.03 -17.63
N LEU A 19 -2.00 17.93 -17.09
CA LEU A 19 -3.23 18.36 -17.76
C LEU A 19 -2.93 19.32 -18.89
N ASP A 20 -2.00 20.25 -18.68
CA ASP A 20 -1.53 21.11 -19.75
C ASP A 20 -1.06 20.27 -20.91
N GLN A 21 -0.28 19.23 -20.63
CA GLN A 21 0.30 18.39 -21.65
C GLN A 21 -0.77 17.65 -22.48
N LEU A 22 -1.83 17.22 -21.81
CA LEU A 22 -2.90 16.54 -22.48
C LEU A 22 -3.57 17.50 -23.47
N GLN A 23 -3.83 18.73 -23.04
CA GLN A 23 -4.50 19.68 -23.93
C GLN A 23 -3.57 20.00 -25.09
N SER A 24 -2.28 20.16 -24.79
CA SER A 24 -1.36 20.63 -25.81
C SER A 24 -0.59 19.60 -26.65
N LYS A 25 -0.41 18.36 -26.19
CA LYS A 25 0.17 17.31 -27.06
C LYS A 25 -0.73 16.08 -27.37
N TYR A 26 -1.89 15.98 -26.70
CA TYR A 26 -2.78 14.80 -26.79
C TYR A 26 -4.21 15.16 -27.20
N GLU A 27 -4.41 16.41 -27.64
CA GLU A 27 -5.64 16.94 -28.25
C GLU A 27 -6.92 16.71 -27.43
N ILE A 28 -6.79 16.73 -26.12
CA ILE A 28 -7.92 16.51 -25.25
C ILE A 28 -8.85 17.74 -25.13
N ASP A 29 -10.15 17.47 -25.15
CA ASP A 29 -11.11 18.52 -24.98
C ASP A 29 -11.25 18.80 -23.49
N PRO A 30 -11.75 20.00 -23.12
CA PRO A 30 -11.86 20.36 -21.68
C PRO A 30 -12.68 19.39 -20.80
N ASN A 31 -13.79 18.84 -21.29
CA ASN A 31 -14.58 17.87 -20.55
C ASN A 31 -13.88 16.56 -20.19
N ARG A 32 -13.10 16.00 -21.13
CA ARG A 32 -12.24 14.84 -20.82
C ARG A 32 -11.13 15.25 -19.91
N ALA A 33 -10.67 16.48 -20.06
CA ALA A 33 -9.57 16.99 -19.23
C ALA A 33 -10.08 17.10 -17.80
N ARG A 34 -11.28 17.69 -17.66
CA ARG A 34 -11.97 17.81 -16.38
C ARG A 34 -12.14 16.42 -15.74
N TYR A 35 -12.69 15.47 -16.51
CA TYR A 35 -12.87 14.10 -16.05
C TYR A 35 -11.59 13.54 -15.43
N LEU A 36 -10.46 13.70 -16.15
CA LEU A 36 -9.19 13.28 -15.61
C LEU A 36 -8.66 14.09 -14.43
N ARG A 37 -8.98 15.39 -14.33
CA ARG A 37 -8.64 16.09 -13.06
C ARG A 37 -9.40 15.50 -11.87
N ILE A 38 -10.70 15.23 -12.04
CA ILE A 38 -11.52 14.62 -10.97
C ILE A 38 -11.06 13.17 -10.68
N MET A 39 -10.85 12.37 -11.72
CA MET A 39 -10.24 11.04 -11.54
C MET A 39 -8.90 11.13 -10.80
N MET A 40 -8.02 12.08 -11.13
CA MET A 40 -6.75 12.24 -10.36
C MET A 40 -6.96 12.68 -8.91
N ASP A 41 -7.78 13.70 -8.71
CA ASP A 41 -8.15 14.12 -7.34
C ASP A 41 -8.80 13.00 -6.54
N THR A 42 -9.78 12.30 -7.14
CA THR A 42 -10.47 11.26 -6.40
C THR A 42 -9.60 10.06 -6.06
N THR A 43 -8.70 9.66 -6.96
CA THR A 43 -7.91 8.47 -6.70
C THR A 43 -6.58 8.77 -6.08
N CYS A 44 -6.07 9.99 -6.25
CA CYS A 44 -4.75 10.30 -5.67
C CYS A 44 -4.77 11.00 -4.30
N LEU A 45 -5.89 11.65 -3.98
CA LEU A 45 -6.01 12.48 -2.77
C LEU A 45 -6.92 11.91 -1.69
N GLY A 46 -6.75 12.47 -0.50
CA GLY A 46 -7.64 12.18 0.65
C GLY A 46 -7.16 11.01 1.47
N GLY A 47 -5.98 10.50 1.12
CA GLY A 47 -5.35 9.43 1.89
C GLY A 47 -4.48 10.01 2.97
N LYS A 48 -3.75 9.16 3.66
CA LYS A 48 -2.83 9.60 4.73
C LYS A 48 -1.56 10.28 4.19
N TYR A 49 -1.25 10.07 2.89
CA TYR A 49 0.03 10.45 2.22
C TYR A 49 1.29 9.89 2.85
N PHE A 50 1.18 8.79 3.57
CA PHE A 50 2.35 8.34 4.25
C PHE A 50 3.41 7.72 3.32
N ARG A 51 3.02 7.13 2.20
CA ARG A 51 4.02 6.65 1.26
C ARG A 51 4.86 7.81 0.68
N GLY A 52 4.23 8.86 0.20
CA GLY A 52 4.95 9.97 -0.35
C GLY A 52 5.69 10.82 0.66
N MET A 53 5.00 11.15 1.76
CA MET A 53 5.61 11.84 2.88
C MET A 53 6.88 11.08 3.37
N THR A 54 6.82 9.75 3.37
CA THR A 54 7.98 8.95 3.77
C THR A 54 9.26 9.27 2.97
N VAL A 55 9.11 9.50 1.66
CA VAL A 55 10.21 9.86 0.80
C VAL A 55 10.77 11.22 1.27
N VAL A 56 9.88 12.14 1.60
CA VAL A 56 10.27 13.48 1.97
C VAL A 56 11.04 13.45 3.31
N ASN A 57 10.50 12.67 4.25
CA ASN A 57 11.14 12.49 5.56
C ASN A 57 12.55 12.00 5.38
N VAL A 58 12.72 10.88 4.67
CA VAL A 58 14.06 10.35 4.42
C VAL A 58 14.94 11.43 3.82
N ALA A 59 14.53 12.08 2.74
CA ALA A 59 15.34 13.15 2.16
C ALA A 59 15.72 14.27 3.16
N GLU A 60 14.77 14.77 3.98
CA GLU A 60 15.03 15.87 4.95
C GLU A 60 16.05 15.43 5.97
N GLY A 61 15.99 14.14 6.27
CA GLY A 61 16.96 13.47 7.12
C GLY A 61 18.39 13.63 6.61
N PHE A 62 18.65 13.25 5.37
CA PHE A 62 20.00 13.41 4.89
C PHE A 62 20.36 14.88 4.70
N LEU A 63 19.38 15.76 4.52
CA LEU A 63 19.68 17.17 4.32
C LEU A 63 20.17 17.90 5.58
N ALA A 64 19.79 17.37 6.75
CA ALA A 64 20.11 17.99 8.03
C ALA A 64 21.52 17.70 8.49
N VAL A 65 22.17 16.75 7.83
CA VAL A 65 23.46 16.25 8.27
C VAL A 65 24.50 16.35 7.15
N THR A 66 24.13 17.09 6.12
CA THR A 66 24.96 17.20 4.93
C THR A 66 24.99 18.70 4.64
N GLN A 67 26.11 19.16 4.08
CA GLN A 67 26.24 20.55 3.57
C GLN A 67 25.71 20.62 2.13
N HIS A 68 24.83 21.59 1.88
CA HIS A 68 24.34 21.87 0.55
C HIS A 68 24.05 23.35 0.38
N ASP A 69 24.17 23.82 -0.86
CA ASP A 69 23.62 25.13 -1.24
C ASP A 69 22.10 25.11 -1.09
N GLU A 70 21.55 26.28 -0.78
CA GLU A 70 20.13 26.46 -0.62
C GLU A 70 19.30 25.96 -1.82
N ALA A 71 19.91 25.93 -3.01
CA ALA A 71 19.18 25.58 -4.24
C ALA A 71 19.05 24.07 -4.38
N THR A 72 20.13 23.37 -4.03
CA THR A 72 20.18 21.93 -3.91
C THR A 72 19.21 21.38 -2.84
N LYS A 73 19.18 22.02 -1.66
CA LYS A 73 18.15 21.72 -0.66
C LYS A 73 16.79 21.70 -1.36
N GLU A 74 16.49 22.78 -2.09
CA GLU A 74 15.21 22.98 -2.78
C GLU A 74 14.95 21.92 -3.84
N ARG A 75 15.93 21.72 -4.70
CA ARG A 75 15.84 20.75 -5.75
C ARG A 75 15.52 19.34 -5.18
N ILE A 76 16.40 18.88 -4.28
CA ILE A 76 16.29 17.63 -3.56
C ILE A 76 14.90 17.45 -2.90
N LEU A 77 14.39 18.46 -2.19
CA LEU A 77 13.03 18.36 -1.62
C LEU A 77 12.00 18.25 -2.72
N HIS A 78 12.18 19.04 -3.78
CA HIS A 78 11.25 18.98 -4.91
C HIS A 78 11.27 17.57 -5.54
N ASP A 79 12.47 17.05 -5.84
CA ASP A 79 12.64 15.67 -6.29
C ASP A 79 12.00 14.63 -5.33
N ALA A 80 12.15 14.84 -4.03
CA ALA A 80 11.58 13.95 -3.04
C ALA A 80 10.05 13.90 -3.16
N CYS A 81 9.44 15.06 -3.38
CA CYS A 81 8.00 15.25 -3.48
C CYS A 81 7.43 14.66 -4.76
N VAL A 82 8.15 14.83 -5.86
CA VAL A 82 7.76 14.21 -7.11
C VAL A 82 7.89 12.70 -7.01
N GLY A 83 8.99 12.24 -6.41
CA GLY A 83 9.19 10.80 -6.14
C GLY A 83 8.04 10.27 -5.28
N GLY A 84 7.75 10.96 -4.19
CA GLY A 84 6.58 10.67 -3.36
C GLY A 84 5.29 10.53 -4.12
N TRP A 85 5.03 11.46 -5.05
CA TRP A 85 3.81 11.39 -5.87
C TRP A 85 3.81 10.21 -6.83
N MET A 86 4.98 9.83 -7.34
CA MET A 86 5.04 8.62 -8.15
C MET A 86 4.48 7.45 -7.41
N ILE A 87 4.85 7.30 -6.12
CA ILE A 87 4.38 6.18 -5.34
C ILE A 87 2.89 6.35 -5.01
N GLU A 88 2.45 7.58 -4.72
CA GLU A 88 1.02 7.80 -4.47
C GLU A 88 0.19 7.52 -5.73
N PHE A 89 0.73 7.89 -6.89
CA PHE A 89 0.05 7.57 -8.15
C PHE A 89 0.13 6.07 -8.43
N LEU A 90 1.22 5.45 -8.05
CA LEU A 90 1.33 4.00 -8.17
C LEU A 90 0.32 3.32 -7.25
N GLN A 91 0.08 3.90 -6.08
CA GLN A 91 -0.90 3.32 -5.20
C GLN A 91 -2.34 3.54 -5.72
N ALA A 92 -2.65 4.77 -6.14
CA ALA A 92 -3.91 5.11 -6.72
C ALA A 92 -4.36 4.09 -7.79
N HIS A 93 -3.47 3.83 -8.75
CA HIS A 93 -3.58 2.77 -9.74
C HIS A 93 -3.98 1.44 -9.15
N TYR A 94 -3.25 1.02 -8.12
CA TYR A 94 -3.49 -0.30 -7.55
C TYR A 94 -4.81 -0.35 -6.80
N LEU A 95 -5.18 0.77 -6.16
CA LEU A 95 -6.43 0.80 -5.39
C LEU A 95 -7.64 0.85 -6.33
N VAL A 96 -7.48 1.50 -7.49
CA VAL A 96 -8.60 1.57 -8.44
C VAL A 96 -8.95 0.14 -8.88
N GLU A 97 -7.92 -0.62 -9.28
CA GLU A 97 -8.09 -1.99 -9.74
C GLU A 97 -8.52 -2.89 -8.61
N ASP A 98 -7.85 -2.75 -7.45
CA ASP A 98 -8.13 -3.57 -6.28
C ASP A 98 -9.60 -3.47 -5.84
N ASP A 99 -10.13 -2.25 -5.86
CA ASP A 99 -11.51 -2.05 -5.45
C ASP A 99 -12.46 -2.76 -6.36
N ILE A 100 -12.09 -2.83 -7.63
CA ILE A 100 -12.81 -3.65 -8.61
C ILE A 100 -12.68 -5.15 -8.32
N MET A 101 -11.46 -5.62 -8.16
CA MET A 101 -11.20 -7.03 -7.90
C MET A 101 -11.81 -7.52 -6.59
N ASP A 102 -11.92 -6.62 -5.62
CA ASP A 102 -12.32 -7.00 -4.27
C ASP A 102 -13.83 -6.78 -4.05
N GLY A 103 -14.48 -6.05 -4.97
CA GLY A 103 -15.90 -5.77 -4.87
C GLY A 103 -16.19 -4.72 -3.81
N SER A 104 -15.26 -3.80 -3.58
CA SER A 104 -15.42 -2.78 -2.54
C SER A 104 -16.43 -1.67 -2.86
N VAL A 105 -16.81 -0.95 -1.82
CA VAL A 105 -17.92 -0.04 -1.88
C VAL A 105 -17.44 1.40 -1.64
N MET A 106 -16.57 1.61 -0.66
CA MET A 106 -16.11 2.96 -0.31
C MET A 106 -14.62 2.97 -0.13
N ARG A 107 -14.01 4.14 -0.26
CA ARG A 107 -12.61 4.30 0.11
C ARG A 107 -12.37 5.78 0.31
N ARG A 108 -11.61 6.11 1.34
CA ARG A 108 -11.46 7.49 1.80
C ARG A 108 -12.82 8.19 1.97
N GLY A 109 -13.82 7.47 2.48
CA GLY A 109 -15.13 8.07 2.77
C GLY A 109 -16.02 8.39 1.56
N LYS A 110 -15.56 8.07 0.37
CA LYS A 110 -16.28 8.22 -0.90
C LYS A 110 -16.50 6.85 -1.58
N PRO A 111 -17.49 6.76 -2.48
CA PRO A 111 -17.55 5.51 -3.22
C PRO A 111 -16.24 5.25 -3.98
N CYS A 112 -15.96 3.98 -4.18
CA CYS A 112 -14.77 3.60 -4.91
C CYS A 112 -14.97 4.17 -6.29
N TRP A 113 -13.87 4.61 -6.90
CA TRP A 113 -13.90 5.24 -8.21
C TRP A 113 -14.88 4.56 -9.19
N TYR A 114 -14.83 3.23 -9.31
CA TYR A 114 -15.65 2.59 -10.35
C TYR A 114 -17.12 2.64 -10.00
N ARG A 115 -17.43 2.88 -8.74
CA ARG A 115 -18.84 2.93 -8.38
C ARG A 115 -19.44 4.33 -8.63
N PHE A 116 -18.60 5.32 -8.97
CA PHE A 116 -19.09 6.64 -9.35
C PHE A 116 -20.07 6.48 -10.52
N PRO A 117 -21.13 7.32 -10.59
CA PRO A 117 -22.19 6.99 -11.59
C PRO A 117 -21.69 7.17 -13.02
N GLY A 118 -20.89 8.22 -13.21
CA GLY A 118 -20.35 8.56 -14.51
C GLY A 118 -19.05 7.86 -14.86
N VAL A 119 -18.63 6.90 -14.04
CA VAL A 119 -17.38 6.17 -14.30
C VAL A 119 -17.62 4.73 -14.79
N THR A 120 -18.06 3.84 -13.90
CA THR A 120 -18.20 2.40 -14.21
C THR A 120 -16.88 1.66 -14.39
N THR A 121 -17.01 0.34 -14.28
CA THR A 121 -15.94 -0.62 -14.43
C THR A 121 -15.16 -0.41 -15.72
N GLN A 122 -15.86 -0.34 -16.86
CA GLN A 122 -15.15 -0.24 -18.15
C GLN A 122 -14.17 0.93 -18.20
N CYS A 123 -14.60 2.09 -17.70
CA CYS A 123 -13.72 3.25 -17.64
C CYS A 123 -12.67 3.16 -16.57
N ALA A 124 -13.06 2.61 -15.41
CA ALA A 124 -12.17 2.52 -14.26
C ALA A 124 -10.94 1.66 -14.53
N ILE A 125 -11.11 0.54 -15.21
CA ILE A 125 -9.94 -0.27 -15.56
C ILE A 125 -8.87 0.58 -16.27
N ASN A 126 -9.33 1.38 -17.24
CA ASN A 126 -8.45 2.23 -18.00
C ASN A 126 -7.99 3.45 -17.24
N ASP A 127 -8.81 3.99 -16.35
CA ASP A 127 -8.37 5.15 -15.59
C ASP A 127 -7.21 4.64 -14.77
N GLY A 128 -7.33 3.40 -14.32
CA GLY A 128 -6.34 2.79 -13.50
C GLY A 128 -5.02 2.77 -14.24
N ILE A 129 -5.08 2.32 -15.50
CA ILE A 129 -3.89 2.18 -16.34
C ILE A 129 -3.29 3.58 -16.60
N ILE A 130 -4.13 4.58 -16.80
CA ILE A 130 -3.69 5.99 -16.90
C ILE A 130 -2.88 6.38 -15.67
N LEU A 131 -3.36 5.97 -14.49
CA LEU A 131 -2.69 6.37 -13.25
C LEU A 131 -1.28 5.89 -13.23
N LYS A 132 -1.10 4.66 -13.71
CA LYS A 132 0.21 4.07 -13.74
C LYS A 132 1.09 4.77 -14.74
N SER A 133 0.57 5.09 -15.94
CA SER A 133 1.38 5.83 -16.94
C SER A 133 1.79 7.20 -16.45
N TRP A 134 0.87 7.89 -15.75
CA TRP A 134 1.22 9.19 -15.20
C TRP A 134 2.54 9.11 -14.43
N THR A 135 2.74 8.04 -13.66
CA THR A 135 3.97 7.86 -12.86
C THR A 135 5.22 7.84 -13.71
N GLN A 136 5.15 7.27 -14.90
CA GLN A 136 6.30 7.23 -15.75
C GLN A 136 6.45 8.56 -16.44
N ILE A 137 5.34 9.26 -16.67
CA ILE A 137 5.38 10.56 -17.34
C ILE A 137 6.11 11.57 -16.44
N MET A 138 5.78 11.59 -15.14
CA MET A 138 6.48 12.40 -14.12
C MET A 138 7.95 12.15 -14.06
N ALA A 139 8.30 10.86 -14.06
CA ALA A 139 9.65 10.47 -13.79
C ALA A 139 10.45 11.04 -14.93
N TRP A 140 9.93 10.81 -16.13
CA TRP A 140 10.68 11.19 -17.30
C TRP A 140 10.71 12.68 -17.46
N HIS A 141 9.65 13.36 -17.05
CA HIS A 141 9.66 14.80 -17.15
C HIS A 141 10.57 15.46 -16.11
N TYR A 142 10.41 15.09 -14.85
CA TYR A 142 11.12 15.75 -13.77
C TYR A 142 12.55 15.23 -13.59
N PHE A 143 12.80 13.96 -13.90
CA PHE A 143 14.06 13.33 -13.58
C PHE A 143 14.89 12.87 -14.78
N ALA A 144 14.48 13.16 -16.01
CA ALA A 144 15.23 12.67 -17.22
C ALA A 144 16.73 12.93 -17.09
N ASP A 145 17.00 14.03 -16.41
CA ASP A 145 18.27 14.64 -16.21
C ASP A 145 19.12 14.11 -14.99
N ARG A 146 18.48 13.39 -14.07
CA ARG A 146 19.09 13.07 -12.79
C ARG A 146 19.94 11.79 -12.87
N PRO A 147 21.09 11.77 -12.18
CA PRO A 147 21.95 10.57 -12.19
C PRO A 147 21.28 9.33 -11.58
N PHE A 148 20.30 9.55 -10.71
CA PHE A 148 19.59 8.41 -10.12
C PHE A 148 18.45 7.78 -10.93
N LEU A 149 18.25 8.23 -12.16
CA LEU A 149 17.06 7.89 -12.95
C LEU A 149 16.96 6.40 -13.33
N LYS A 150 18.03 5.80 -13.86
CA LYS A 150 17.93 4.37 -14.14
C LYS A 150 17.56 3.60 -12.87
N ASP A 151 18.27 3.88 -11.78
CA ASP A 151 18.10 3.16 -10.52
C ASP A 151 16.71 3.35 -10.00
N LEU A 152 16.24 4.59 -10.02
CA LEU A 152 14.89 4.88 -9.63
C LEU A 152 13.86 4.09 -10.48
N LEU A 153 13.97 4.12 -11.81
CA LEU A 153 12.98 3.44 -12.65
C LEU A 153 13.08 1.89 -12.59
N CYS A 154 14.30 1.37 -12.44
CA CYS A 154 14.52 -0.07 -12.28
C CYS A 154 13.88 -0.60 -11.00
N LEU A 155 14.04 0.13 -9.92
CA LEU A 155 13.44 -0.19 -8.65
C LEU A 155 11.93 -0.14 -8.71
N PHE A 156 11.43 0.96 -9.26
CA PHE A 156 10.02 1.19 -9.37
C PHE A 156 9.30 0.05 -10.10
N GLN A 157 9.86 -0.43 -11.19
CA GLN A 157 9.13 -1.43 -11.94
C GLN A 157 9.29 -2.78 -11.29
N LYS A 158 10.41 -2.98 -10.60
CA LYS A 158 10.59 -4.19 -9.82
C LYS A 158 9.58 -4.23 -8.68
N VAL A 159 9.39 -3.10 -8.02
CA VAL A 159 8.39 -2.97 -6.98
C VAL A 159 6.97 -3.12 -7.51
N ASP A 160 6.72 -2.56 -8.71
CA ASP A 160 5.43 -2.66 -9.32
C ASP A 160 5.09 -4.12 -9.68
N TYR A 161 6.07 -4.83 -10.20
CA TYR A 161 5.89 -6.23 -10.51
C TYR A 161 5.69 -7.12 -9.25
N ALA A 162 6.54 -6.97 -8.24
CA ALA A 162 6.29 -7.68 -7.00
C ALA A 162 4.84 -7.49 -6.56
N THR A 163 4.33 -6.25 -6.69
CA THR A 163 2.98 -5.94 -6.19
C THR A 163 1.90 -6.68 -6.98
N ALA A 164 2.03 -6.66 -8.30
CA ALA A 164 1.10 -7.31 -9.20
C ALA A 164 1.14 -8.82 -8.91
N VAL A 165 2.35 -9.36 -8.74
CA VAL A 165 2.51 -10.76 -8.34
C VAL A 165 1.88 -11.04 -6.99
N GLY A 166 2.03 -10.12 -6.06
CA GLY A 166 1.42 -10.25 -4.73
C GLY A 166 -0.09 -10.21 -4.80
N GLN A 167 -0.61 -9.34 -5.67
CA GLN A 167 -2.02 -9.26 -5.97
C GLN A 167 -2.59 -10.57 -6.52
N MET A 168 -1.86 -11.21 -7.43
CA MET A 168 -2.29 -12.50 -7.91
C MET A 168 -2.30 -13.54 -6.75
N TYR A 169 -1.35 -13.44 -5.83
CA TYR A 169 -1.38 -14.30 -4.67
C TYR A 169 -2.65 -14.10 -3.81
N ASP A 170 -3.07 -12.84 -3.65
CA ASP A 170 -4.15 -12.50 -2.75
C ASP A 170 -5.50 -12.93 -3.29
N VAL A 171 -5.68 -12.69 -4.58
CA VAL A 171 -6.94 -12.93 -5.23
C VAL A 171 -7.14 -14.45 -5.48
N THR A 172 -6.07 -15.25 -5.38
CA THR A 172 -6.20 -16.71 -5.55
C THR A 172 -6.00 -17.46 -4.19
N SER A 173 -5.97 -16.71 -3.09
CA SER A 173 -5.66 -17.25 -1.77
C SER A 173 -6.71 -18.22 -1.19
N MET A 174 -7.95 -18.13 -1.68
CA MET A 174 -9.04 -18.97 -1.22
C MET A 174 -9.24 -20.17 -2.13
N CYS A 175 -8.30 -20.37 -3.05
CA CYS A 175 -8.30 -21.50 -3.95
C CYS A 175 -7.29 -22.49 -3.47
N ASP A 176 -7.56 -23.77 -3.70
CA ASP A 176 -6.58 -24.79 -3.38
C ASP A 176 -5.56 -24.76 -4.48
N SER A 177 -4.31 -24.55 -4.12
CA SER A 177 -3.24 -24.53 -5.09
C SER A 177 -3.34 -25.59 -6.16
N ASN A 178 -3.63 -26.82 -5.77
CA ASN A 178 -3.65 -27.94 -6.72
C ASN A 178 -4.86 -27.98 -7.66
N LYS A 179 -5.91 -27.19 -7.35
CA LYS A 179 -7.10 -27.12 -8.20
C LYS A 179 -7.08 -25.93 -9.17
N LEU A 180 -6.10 -25.05 -9.01
CA LEU A 180 -6.05 -23.79 -9.72
C LEU A 180 -5.62 -24.05 -11.16
N ASP A 181 -6.46 -23.58 -12.08
CA ASP A 181 -6.35 -23.96 -13.46
C ASP A 181 -7.20 -22.96 -14.27
N PRO A 182 -6.59 -22.26 -15.25
CA PRO A 182 -7.38 -21.38 -16.10
C PRO A 182 -8.59 -22.02 -16.83
N GLU A 183 -8.58 -23.32 -17.11
CA GLU A 183 -9.70 -23.94 -17.84
C GLU A 183 -10.91 -24.26 -16.95
N VAL A 184 -10.69 -24.37 -15.65
CA VAL A 184 -11.69 -24.88 -14.72
C VAL A 184 -12.17 -23.85 -13.68
N ALA A 185 -13.48 -23.68 -13.56
CA ALA A 185 -14.02 -22.76 -12.57
C ALA A 185 -13.50 -23.02 -11.15
N GLN A 186 -12.89 -22.00 -10.57
CA GLN A 186 -12.23 -22.09 -9.26
C GLN A 186 -13.20 -22.25 -8.05
N PRO A 187 -13.21 -23.46 -7.43
CA PRO A 187 -13.98 -23.68 -6.19
C PRO A 187 -13.18 -23.24 -4.96
N MET A 188 -13.88 -22.58 -4.05
CA MET A 188 -13.25 -22.23 -2.79
C MET A 188 -12.70 -23.48 -2.04
N THR A 189 -11.66 -23.25 -1.25
CA THR A 189 -11.11 -24.26 -0.38
C THR A 189 -12.17 -24.71 0.63
N THR A 190 -12.15 -25.99 0.98
CA THR A 190 -12.93 -26.48 2.11
C THR A 190 -12.01 -26.78 3.26
N ASP A 191 -10.74 -27.05 2.96
CA ASP A 191 -9.81 -27.34 4.05
C ASP A 191 -9.18 -26.12 4.74
N PHE A 192 -9.03 -25.01 4.00
CA PHE A 192 -8.35 -23.83 4.52
C PHE A 192 -6.92 -24.16 4.91
N ALA A 193 -6.38 -25.23 4.32
CA ALA A 193 -5.03 -25.71 4.61
C ALA A 193 -3.95 -24.68 4.24
N GLU A 194 -4.25 -23.77 3.31
CA GLU A 194 -3.28 -22.77 2.90
C GLU A 194 -3.42 -21.44 3.63
N PHE A 195 -4.38 -21.37 4.56
CA PHE A 195 -4.43 -20.25 5.52
C PHE A 195 -3.43 -20.50 6.64
N THR A 196 -2.14 -20.45 6.29
CA THR A 196 -1.08 -20.63 7.27
C THR A 196 -0.32 -19.32 7.53
N PRO A 197 0.39 -19.24 8.66
CA PRO A 197 1.25 -18.08 8.82
C PRO A 197 2.28 -17.92 7.70
N ALA A 198 2.86 -19.01 7.20
CA ALA A 198 3.92 -18.88 6.16
C ALA A 198 3.36 -18.34 4.84
N ILE A 199 2.18 -18.83 4.46
CA ILE A 199 1.58 -18.44 3.20
C ILE A 199 1.04 -17.03 3.29
N TYR A 200 0.36 -16.73 4.40
CA TYR A 200 -0.05 -15.37 4.69
C TYR A 200 1.09 -14.40 4.47
N LYS A 201 2.26 -14.71 5.04
CA LYS A 201 3.42 -13.82 5.01
C LYS A 201 3.93 -13.62 3.59
N ARG A 202 3.91 -14.68 2.77
CA ARG A 202 4.31 -14.61 1.36
C ARG A 202 3.36 -13.66 0.62
N ILE A 203 2.04 -13.88 0.71
CA ILE A 203 1.04 -12.95 0.15
C ILE A 203 1.40 -11.48 0.42
N VAL A 204 1.49 -11.14 1.69
CA VAL A 204 1.62 -9.77 2.16
C VAL A 204 2.98 -9.17 1.79
N LYS A 205 4.05 -9.96 1.89
CA LYS A 205 5.39 -9.57 1.39
C LYS A 205 5.32 -8.89 0.00
N TYR A 206 4.59 -9.53 -0.92
CA TYR A 206 4.53 -9.09 -2.30
C TYR A 206 3.45 -8.07 -2.55
N LYS A 207 2.26 -8.33 -2.02
CA LYS A 207 1.18 -7.44 -2.35
C LYS A 207 1.36 -6.11 -1.63
N THR A 208 2.08 -6.05 -0.50
CA THR A 208 2.13 -4.72 0.19
C THR A 208 3.47 -4.09 0.67
N THR A 209 4.43 -4.93 1.02
CA THR A 209 5.64 -4.41 1.70
C THR A 209 6.59 -3.67 0.75
N PHE A 210 6.60 -4.09 -0.51
CA PHE A 210 7.47 -3.49 -1.53
C PHE A 210 7.11 -2.02 -1.81
N TYR A 211 5.86 -1.76 -2.11
CA TYR A 211 5.44 -0.42 -2.49
C TYR A 211 5.12 0.45 -1.26
N THR A 212 4.71 -0.17 -0.17
CA THR A 212 4.31 0.61 0.98
C THR A 212 5.55 1.06 1.75
N TYR A 213 6.58 0.22 1.80
CA TYR A 213 7.73 0.54 2.63
C TYR A 213 9.06 0.53 1.93
N LEU A 214 9.31 -0.49 1.13
CA LEU A 214 10.62 -0.60 0.50
C LEU A 214 10.83 0.58 -0.48
N LEU A 215 9.84 0.76 -1.35
CA LEU A 215 9.94 1.77 -2.35
C LEU A 215 10.13 3.18 -1.75
N PRO A 216 9.25 3.65 -0.84
CA PRO A 216 9.51 5.00 -0.38
C PRO A 216 10.82 5.16 0.36
N LEU A 217 11.26 4.14 1.09
CA LEU A 217 12.45 4.31 1.87
C LEU A 217 13.66 4.40 0.94
N VAL A 218 13.74 3.46 -0.02
CA VAL A 218 14.82 3.40 -0.99
C VAL A 218 14.79 4.58 -1.98
N MET A 219 13.59 5.04 -2.31
CA MET A 219 13.49 6.23 -3.16
C MET A 219 13.97 7.47 -2.45
N GLY A 220 13.70 7.57 -1.16
CA GLY A 220 14.18 8.68 -0.39
C GLY A 220 15.70 8.69 -0.40
N LEU A 221 16.30 7.52 -0.46
CA LEU A 221 17.74 7.38 -0.48
C LEU A 221 18.24 7.79 -1.83
N PHE A 222 17.62 7.28 -2.89
CA PHE A 222 17.98 7.60 -4.28
C PHE A 222 18.04 9.09 -4.57
N VAL A 223 16.98 9.82 -4.17
CA VAL A 223 16.91 11.26 -4.46
C VAL A 223 17.83 12.05 -3.53
N SER A 224 18.42 11.35 -2.57
CA SER A 224 19.40 11.92 -1.66
C SER A 224 20.84 11.51 -2.08
N GLU A 225 20.92 10.56 -3.03
CA GLU A 225 22.18 9.91 -3.45
C GLU A 225 22.87 9.23 -2.30
N ALA A 226 22.09 8.74 -1.35
CA ALA A 226 22.63 8.25 -0.12
C ALA A 226 22.50 6.77 0.03
N ALA A 227 22.32 6.05 -1.07
CA ALA A 227 22.03 4.62 -0.94
C ALA A 227 23.25 3.78 -0.49
N ALA A 228 24.45 4.35 -0.71
CA ALA A 228 25.71 3.65 -0.40
C ALA A 228 26.05 3.81 1.07
N SER A 229 25.39 4.75 1.74
CA SER A 229 25.63 4.97 3.16
C SER A 229 24.73 4.15 4.09
N VAL A 230 24.04 3.13 3.54
CA VAL A 230 23.16 2.27 4.33
C VAL A 230 23.35 0.77 4.07
N GLU A 231 23.04 -0.05 5.06
CA GLU A 231 23.04 -1.48 4.85
C GLU A 231 21.71 -1.87 4.18
N MET A 232 21.81 -2.16 2.88
CA MET A 232 20.62 -2.35 2.08
C MET A 232 19.84 -3.57 2.55
N ASN A 233 20.54 -4.64 2.94
CA ASN A 233 19.85 -5.79 3.55
C ASN A 233 19.00 -5.39 4.79
N LEU A 234 19.49 -4.43 5.57
CA LEU A 234 18.74 -3.98 6.75
C LEU A 234 17.50 -3.21 6.32
N VAL A 235 17.65 -2.29 5.38
CA VAL A 235 16.50 -1.61 4.78
C VAL A 235 15.42 -2.62 4.27
N GLU A 236 15.84 -3.60 3.47
CA GLU A 236 14.90 -4.62 2.95
C GLU A 236 14.17 -5.36 4.07
N ARG A 237 14.95 -5.81 5.05
CA ARG A 237 14.39 -6.48 6.19
C ARG A 237 13.46 -5.61 7.03
N VAL A 238 13.82 -4.37 7.31
CA VAL A 238 12.90 -3.55 8.08
C VAL A 238 11.59 -3.19 7.29
N ALA A 239 11.72 -2.90 6.00
CA ALA A 239 10.55 -2.60 5.19
C ALA A 239 9.62 -3.78 5.09
N HIS A 240 10.16 -4.99 5.04
CA HIS A 240 9.30 -6.18 5.01
C HIS A 240 8.54 -6.31 6.34
N LEU A 241 9.27 -6.05 7.41
CA LEU A 241 8.74 -6.24 8.74
C LEU A 241 7.59 -5.27 8.98
N ILE A 242 7.87 -3.98 8.82
CA ILE A 242 6.89 -2.94 9.13
C ILE A 242 5.66 -3.04 8.23
N GLY A 243 5.95 -3.40 6.98
CA GLY A 243 4.95 -3.57 5.94
C GLY A 243 4.04 -4.73 6.22
N GLU A 244 4.58 -5.82 6.73
CA GLU A 244 3.71 -6.92 7.21
C GLU A 244 2.78 -6.45 8.33
N TYR A 245 3.33 -5.72 9.28
CA TYR A 245 2.56 -5.21 10.39
C TYR A 245 1.47 -4.29 9.89
N PHE A 246 1.83 -3.43 8.93
CA PHE A 246 0.88 -2.50 8.36
C PHE A 246 -0.31 -3.26 7.73
N GLN A 247 -0.04 -4.37 7.02
CA GLN A 247 -1.13 -5.20 6.45
C GLN A 247 -1.94 -5.96 7.50
N VAL A 248 -1.30 -6.37 8.59
CA VAL A 248 -2.00 -6.99 9.69
C VAL A 248 -3.04 -6.04 10.28
N GLN A 249 -2.65 -4.80 10.52
CA GLN A 249 -3.58 -3.78 11.01
C GLN A 249 -4.68 -3.63 9.99
N ASP A 250 -4.31 -3.65 8.71
CA ASP A 250 -5.33 -3.47 7.71
C ASP A 250 -6.37 -4.57 7.84
N ASP A 251 -5.91 -5.83 8.00
CA ASP A 251 -6.80 -6.97 8.11
C ASP A 251 -7.70 -6.87 9.36
N VAL A 252 -7.10 -6.53 10.49
CA VAL A 252 -7.83 -6.36 11.75
C VAL A 252 -8.94 -5.30 11.57
N MET A 253 -8.57 -4.18 10.94
CA MET A 253 -9.46 -3.03 10.75
C MET A 253 -10.61 -3.32 9.81
N ASP A 254 -10.36 -4.16 8.80
CA ASP A 254 -11.39 -4.61 7.84
C ASP A 254 -12.64 -5.18 8.51
N CYS A 255 -12.39 -5.98 9.54
CA CYS A 255 -13.44 -6.60 10.30
C CYS A 255 -13.91 -5.75 11.52
N PHE A 256 -12.98 -5.07 12.20
CA PHE A 256 -13.33 -4.48 13.51
C PHE A 256 -13.42 -2.96 13.64
N THR A 257 -13.03 -2.22 12.60
CA THR A 257 -13.13 -0.78 12.68
C THR A 257 -14.38 -0.32 11.97
N PRO A 258 -15.22 0.47 12.65
CA PRO A 258 -16.43 0.94 11.95
C PRO A 258 -16.08 1.78 10.72
N PRO A 259 -16.83 1.57 9.60
CA PRO A 259 -16.57 2.22 8.31
C PRO A 259 -16.42 3.75 8.36
N GLU A 260 -17.10 4.40 9.29
CA GLU A 260 -17.02 5.86 9.39
C GLU A 260 -15.62 6.31 9.83
N GLN A 261 -14.94 5.51 10.66
CA GLN A 261 -13.58 5.81 11.14
C GLN A 261 -12.60 5.34 10.05
N LEU A 262 -12.89 4.17 9.48
CA LEU A 262 -12.02 3.58 8.48
C LEU A 262 -12.03 4.29 7.12
N GLY A 263 -13.16 4.89 6.77
CA GLY A 263 -13.34 5.41 5.42
C GLY A 263 -13.60 4.38 4.34
N LYS A 264 -13.56 3.08 4.67
CA LYS A 264 -13.94 2.03 3.72
C LYS A 264 -14.74 0.94 4.41
N VAL A 265 -15.45 0.13 3.64
CA VAL A 265 -16.17 -0.97 4.26
C VAL A 265 -15.51 -2.31 4.01
N GLY A 266 -15.33 -3.06 5.10
CA GLY A 266 -14.73 -4.39 5.02
C GLY A 266 -15.37 -5.36 4.04
N THR A 267 -14.54 -6.15 3.37
CA THR A 267 -15.00 -7.19 2.46
C THR A 267 -14.24 -8.52 2.57
N ASP A 268 -13.29 -8.65 3.50
CA ASP A 268 -12.43 -9.83 3.54
C ASP A 268 -13.18 -11.11 3.82
N ILE A 269 -14.17 -11.05 4.73
CA ILE A 269 -14.93 -12.24 5.09
C ILE A 269 -15.71 -12.74 3.87
N GLU A 270 -16.57 -11.88 3.31
CA GLU A 270 -17.28 -12.14 2.05
C GLU A 270 -16.37 -12.72 0.97
N ASP A 271 -15.21 -12.09 0.79
CA ASP A 271 -14.31 -12.40 -0.31
C ASP A 271 -13.51 -13.66 -0.08
N ALA A 272 -13.64 -14.26 1.12
CA ALA A 272 -12.89 -15.46 1.53
C ALA A 272 -11.37 -15.20 1.62
N LYS A 273 -11.01 -13.96 1.97
CA LYS A 273 -9.61 -13.56 1.97
C LYS A 273 -8.76 -14.36 2.96
N CYS A 274 -7.54 -14.67 2.58
CA CYS A 274 -6.61 -15.27 3.54
C CYS A 274 -6.04 -14.15 4.43
N SER A 275 -6.89 -13.68 5.34
CA SER A 275 -6.54 -12.51 6.09
C SER A 275 -5.88 -12.88 7.44
N TRP A 276 -5.22 -11.93 8.07
CA TRP A 276 -4.53 -12.22 9.29
C TRP A 276 -5.46 -12.81 10.35
N LEU A 277 -6.71 -12.33 10.40
CA LEU A 277 -7.71 -12.75 11.41
C LEU A 277 -8.05 -14.21 11.20
N ALA A 278 -8.26 -14.56 9.93
CA ALA A 278 -8.62 -15.90 9.53
C ALA A 278 -7.49 -16.87 9.85
N VAL A 279 -6.26 -16.51 9.49
CA VAL A 279 -5.14 -17.41 9.74
C VAL A 279 -4.90 -17.59 11.24
N THR A 280 -4.94 -16.48 11.98
CA THR A 280 -4.74 -16.55 13.40
C THR A 280 -5.88 -17.35 14.05
N PHE A 281 -7.12 -17.06 13.67
CA PHE A 281 -8.26 -17.89 14.09
C PHE A 281 -8.05 -19.39 13.87
N LEU A 282 -7.70 -19.78 12.65
CA LEU A 282 -7.50 -21.17 12.36
C LEU A 282 -6.33 -21.72 13.15
N GLY A 283 -5.40 -20.85 13.54
CA GLY A 283 -4.31 -21.27 14.40
C GLY A 283 -4.64 -21.55 15.87
N LYS A 284 -5.78 -21.11 16.38
CA LYS A 284 -6.04 -21.33 17.82
C LYS A 284 -7.38 -21.95 18.15
N ALA A 285 -8.27 -22.00 17.18
CA ALA A 285 -9.63 -22.47 17.40
C ALA A 285 -9.71 -23.99 17.57
N ASN A 286 -10.79 -24.42 18.23
CA ASN A 286 -11.05 -25.85 18.38
C ASN A 286 -11.82 -26.43 17.20
N ALA A 287 -11.90 -27.75 17.17
CA ALA A 287 -12.62 -28.54 16.15
C ALA A 287 -13.99 -27.98 15.82
N ALA A 288 -14.76 -27.59 16.83
CA ALA A 288 -16.11 -27.08 16.57
C ALA A 288 -16.11 -25.63 16.05
N GLN A 289 -15.16 -24.81 16.52
CA GLN A 289 -14.97 -23.46 15.98
C GLN A 289 -14.53 -23.49 14.51
N VAL A 290 -13.59 -24.39 14.16
CA VAL A 290 -13.11 -24.53 12.79
C VAL A 290 -14.28 -24.88 11.86
N ALA A 291 -15.01 -25.94 12.18
CA ALA A 291 -16.15 -26.36 11.38
C ALA A 291 -17.21 -25.26 11.25
N GLU A 292 -17.44 -24.50 12.31
CA GLU A 292 -18.44 -23.45 12.23
C GLU A 292 -18.01 -22.34 11.27
N PHE A 293 -16.70 -22.04 11.29
CA PHE A 293 -16.04 -21.11 10.39
C PHE A 293 -16.08 -21.57 8.93
N LYS A 294 -15.77 -22.84 8.67
CA LYS A 294 -15.80 -23.37 7.31
C LYS A 294 -17.17 -23.20 6.64
N ALA A 295 -18.24 -23.36 7.44
CA ALA A 295 -19.63 -23.21 6.96
C ALA A 295 -20.16 -21.76 6.93
N ASN A 296 -19.32 -20.77 7.20
CA ASN A 296 -19.86 -19.40 7.19
C ASN A 296 -19.00 -18.41 6.40
N TYR A 297 -17.73 -18.78 6.21
CA TYR A 297 -16.72 -17.96 5.55
C TYR A 297 -16.85 -17.96 4.03
N GLY A 298 -16.66 -16.78 3.43
CA GLY A 298 -16.64 -16.58 1.98
C GLY A 298 -18.00 -16.41 1.31
N ASP A 299 -18.96 -15.83 2.05
CA ASP A 299 -20.31 -15.63 1.57
C ASP A 299 -20.85 -14.24 1.95
N LYS A 300 -21.54 -13.60 1.00
CA LYS A 300 -22.00 -12.20 1.17
C LYS A 300 -23.09 -12.09 2.22
N ASP A 301 -23.80 -13.19 2.44
CA ASP A 301 -24.82 -13.31 3.49
C ASP A 301 -24.41 -12.66 4.83
N PRO A 302 -25.13 -11.59 5.24
CA PRO A 302 -24.83 -10.74 6.38
C PRO A 302 -24.87 -11.52 7.68
N ALA A 303 -25.57 -12.66 7.62
CA ALA A 303 -25.82 -13.52 8.76
C ALA A 303 -24.68 -14.52 8.95
N LYS A 304 -24.23 -15.13 7.85
CA LYS A 304 -22.98 -15.93 7.85
C LYS A 304 -21.76 -15.08 8.27
N VAL A 305 -21.69 -13.84 7.77
CA VAL A 305 -20.61 -12.90 8.13
C VAL A 305 -20.64 -12.53 9.62
N ALA A 306 -21.84 -12.22 10.12
CA ALA A 306 -22.13 -12.04 11.56
C ALA A 306 -21.55 -13.18 12.40
N VAL A 307 -21.72 -14.41 11.92
CA VAL A 307 -21.19 -15.60 12.59
C VAL A 307 -19.65 -15.57 12.66
N VAL A 308 -19.00 -15.46 11.50
CA VAL A 308 -17.55 -15.33 11.45
C VAL A 308 -17.05 -14.22 12.39
N LYS A 309 -17.74 -13.08 12.42
CA LYS A 309 -17.38 -11.98 13.37
C LYS A 309 -17.46 -12.43 14.83
N ARG A 310 -18.59 -13.05 15.19
CA ARG A 310 -18.82 -13.67 16.51
C ARG A 310 -17.78 -14.72 16.87
N LEU A 311 -17.40 -15.58 15.91
CA LEU A 311 -16.28 -16.54 16.06
C LEU A 311 -14.93 -15.84 16.34
N TYR A 312 -14.59 -14.84 15.54
CA TYR A 312 -13.43 -14.00 15.78
C TYR A 312 -13.42 -13.38 17.20
N SER A 313 -14.55 -12.82 17.66
CA SER A 313 -14.64 -12.28 19.05
C SER A 313 -14.44 -13.34 20.11
N GLU A 314 -15.22 -14.43 20.02
CA GLU A 314 -15.05 -15.63 20.86
C GLU A 314 -13.58 -15.98 21.00
N ALA A 315 -12.88 -16.07 19.87
CA ALA A 315 -11.52 -16.59 19.84
C ALA A 315 -10.52 -15.61 20.48
N ASN A 316 -11.02 -14.43 20.87
CA ASN A 316 -10.25 -13.48 21.64
C ASN A 316 -8.98 -13.08 20.86
N LEU A 317 -9.20 -12.67 19.61
CA LEU A 317 -8.09 -12.50 18.68
C LEU A 317 -7.27 -11.24 18.97
N GLN A 318 -7.77 -10.33 19.80
CA GLN A 318 -6.95 -9.20 20.28
C GLN A 318 -5.79 -9.58 21.23
N ALA A 319 -5.88 -10.70 21.92
CA ALA A 319 -4.71 -11.18 22.64
C ALA A 319 -3.58 -11.51 21.66
N ASP A 320 -3.92 -12.25 20.61
CA ASP A 320 -2.96 -12.68 19.61
C ASP A 320 -2.30 -11.49 18.92
N PHE A 321 -3.08 -10.47 18.61
CA PHE A 321 -2.54 -9.22 18.07
C PHE A 321 -1.55 -8.44 18.99
N ALA A 322 -1.84 -8.36 20.28
CA ALA A 322 -0.91 -7.81 21.23
C ALA A 322 0.42 -8.60 21.23
N ALA A 323 0.35 -9.92 21.16
CA ALA A 323 1.57 -10.73 21.18
C ALA A 323 2.37 -10.45 19.90
N TYR A 324 1.66 -10.55 18.78
CA TYR A 324 2.16 -10.18 17.44
C TYR A 324 2.87 -8.82 17.42
N GLU A 325 2.16 -7.80 17.89
CA GLU A 325 2.65 -6.44 17.96
C GLU A 325 3.90 -6.33 18.85
N ALA A 326 3.92 -7.06 19.97
CA ALA A 326 5.03 -7.01 20.90
C ALA A 326 6.27 -7.61 20.27
N GLU A 327 6.08 -8.69 19.52
CA GLU A 327 7.21 -9.25 18.79
C GLU A 327 7.73 -8.31 17.67
N VAL A 328 6.84 -7.66 16.92
CA VAL A 328 7.25 -6.75 15.85
C VAL A 328 8.04 -5.53 16.43
N VAL A 329 7.52 -4.93 17.50
CA VAL A 329 8.27 -3.89 18.21
C VAL A 329 9.68 -4.38 18.56
N ARG A 330 9.81 -5.57 19.14
CA ARG A 330 11.15 -6.13 19.39
C ARG A 330 12.05 -6.08 18.15
N GLU A 331 11.57 -6.65 17.05
CA GLU A 331 12.37 -6.80 15.85
C GLU A 331 12.62 -5.49 15.11
N VAL A 332 11.62 -4.59 15.10
CA VAL A 332 11.80 -3.28 14.47
C VAL A 332 12.85 -2.42 15.22
N GLU A 333 12.73 -2.38 16.55
CA GLU A 333 13.69 -1.65 17.37
C GLU A 333 15.08 -2.25 17.17
N SER A 334 15.12 -3.57 16.95
CA SER A 334 16.38 -4.28 16.72
C SER A 334 17.07 -3.84 15.42
N LEU A 335 16.27 -3.83 14.35
CA LEU A 335 16.69 -3.48 13.00
C LEU A 335 17.04 -2.02 12.91
N ILE A 336 16.38 -1.19 13.72
CA ILE A 336 16.67 0.24 13.79
C ILE A 336 17.98 0.44 14.53
N GLU A 337 18.16 -0.31 15.61
CA GLU A 337 19.44 -0.36 16.29
C GLU A 337 20.57 -0.73 15.33
N GLN A 338 20.36 -1.73 14.49
CA GLN A 338 21.39 -2.14 13.54
C GLN A 338 21.66 -1.02 12.51
N LEU A 339 20.58 -0.35 12.06
CA LEU A 339 20.70 0.70 11.08
C LEU A 339 21.54 1.88 11.61
N LYS A 340 21.55 2.06 12.92
CA LYS A 340 22.33 3.11 13.57
C LYS A 340 23.85 3.02 13.31
N VAL A 341 24.35 1.84 12.95
CA VAL A 341 25.79 1.65 12.90
C VAL A 341 26.37 2.43 11.72
N LYS A 342 25.83 2.22 10.53
CA LYS A 342 26.31 2.98 9.38
C LYS A 342 25.54 4.27 9.16
N SER A 343 24.25 4.31 9.54
CA SER A 343 23.43 5.51 9.31
C SER A 343 22.34 5.87 10.34
N PRO A 344 22.74 6.60 11.40
CA PRO A 344 21.86 7.08 12.48
C PRO A 344 20.69 7.99 12.04
N THR A 345 20.96 8.92 11.12
CA THR A 345 19.88 9.72 10.54
C THR A 345 18.80 8.89 9.83
N PHE A 346 19.22 7.95 8.98
CA PHE A 346 18.27 7.05 8.32
C PHE A 346 17.45 6.14 9.30
N ALA A 347 18.14 5.60 10.30
CA ALA A 347 17.52 4.81 11.33
C ALA A 347 16.50 5.70 12.12
N GLU A 348 16.78 6.99 12.25
CA GLU A 348 15.80 7.95 12.77
C GLU A 348 14.54 8.13 11.88
N SER A 349 14.76 8.22 10.57
CA SER A 349 13.70 8.14 9.58
C SER A 349 12.85 6.88 9.71
N VAL A 350 13.52 5.74 9.78
CA VAL A 350 12.82 4.48 9.95
C VAL A 350 11.94 4.47 11.21
N ALA A 351 12.43 5.15 12.26
CA ALA A 351 11.80 5.22 13.57
C ALA A 351 10.56 6.08 13.55
N VAL A 352 10.63 7.16 12.77
CA VAL A 352 9.46 8.02 12.52
C VAL A 352 8.35 7.22 11.75
N VAL A 353 8.75 6.59 10.64
CA VAL A 353 7.87 5.75 9.84
C VAL A 353 7.23 4.68 10.72
N TRP A 354 8.05 4.07 11.59
CA TRP A 354 7.54 3.03 12.44
C TRP A 354 6.50 3.56 13.42
N GLU A 355 6.85 4.67 14.06
CA GLU A 355 6.00 5.41 14.98
C GLU A 355 4.66 5.78 14.37
N LYS A 356 4.67 6.29 13.14
CA LYS A 356 3.43 6.67 12.44
C LYS A 356 2.60 5.44 12.19
N THR A 357 3.26 4.35 11.82
CA THR A 357 2.58 3.12 11.47
C THR A 357 1.96 2.47 12.71
N HIS A 358 2.78 2.31 13.76
CA HIS A 358 2.34 1.79 15.04
C HIS A 358 1.09 2.53 15.60
N LYS A 359 1.08 3.86 15.53
CA LYS A 359 0.04 4.67 16.17
C LYS A 359 -1.16 4.97 15.27
N ARG A 360 -1.35 4.18 14.21
CA ARG A 360 -2.40 4.48 13.23
C ARG A 360 -3.80 3.98 13.63
N LYS A 361 -4.79 4.76 13.21
CA LYS A 361 -6.19 4.49 13.56
C LYS A 361 -7.10 4.26 12.33
N LYS A 362 -6.56 4.45 11.13
CA LYS A 362 -7.34 4.31 9.88
C LYS A 362 -6.46 3.97 8.67
C ACY B . -9.78 5.32 -4.72
O ACY B . -9.70 6.00 -3.67
OXT ACY B . -10.88 5.07 -5.28
CH3 ACY B . -8.49 4.83 -5.35
O M0N C . -4.99 -3.06 1.65
C9 M0N C . -6.19 -3.67 1.20
C8 M0N C . -5.66 -3.15 -0.22
C2 M0N C . -4.24 -3.49 -0.79
C1 M0N C . -3.16 -3.91 -0.03
N1 M0N C . -2.09 -4.12 -0.81
C7 M0N C . -2.41 -3.84 -2.06
C6 M0N C . -1.61 -3.92 -3.22
C5 M0N C . -2.16 -3.58 -4.46
C4 M0N C . -3.51 -3.16 -4.49
C3 M0N C . -4.25 -3.09 -3.27
N2 M0N C . -3.72 -3.45 -2.06
P1 M0N C . -6.35 -5.34 0.56
O2 M0N C . -4.99 -5.97 0.40
O3 M0N C . -7.01 -5.90 1.81
O1 M0N C . -7.26 -5.38 -0.66
P2 M0N C . -7.63 -2.59 1.04
O5 M0N C . -7.05 -1.22 1.31
O6 M0N C . -8.28 -3.28 2.22
O4 M0N C . -8.51 -2.75 -0.17
S SO4 D . 7.48 17.12 -22.46
O1 SO4 D . 7.16 17.41 -21.07
O2 SO4 D . 7.48 15.68 -22.67
O3 SO4 D . 8.83 17.62 -22.75
O4 SO4 D . 6.48 17.76 -23.32
S SO4 E . -2.32 6.26 2.81
O1 SO4 E . -2.19 4.89 3.31
O2 SO4 E . -1.19 7.07 3.23
O3 SO4 E . -3.60 6.75 3.33
O4 SO4 E . -2.35 6.23 1.35
C1 IPE F . -4.40 0.36 2.27
O1 IPE F . -3.59 1.45 1.91
C2 IPE F . -3.75 -0.75 1.51
C3 IPE F . -2.66 -1.45 2.27
C4 IPE F . -2.90 -2.19 3.35
C5 IPE F . -1.27 -1.37 1.74
PA IPE F . -3.60 2.79 2.80
O1A IPE F . -4.35 2.55 4.10
O2A IPE F . -2.22 3.34 2.89
O3A IPE F . -4.53 3.74 1.86
PB IPE F . -4.59 5.37 1.98
O1B IPE F . -3.71 5.83 0.84
O2B IPE F . -4.04 5.75 3.34
O3B IPE F . -6.08 5.65 1.83
MG MG G . -8.98 -4.39 -1.34
MG MG H . -7.90 -4.82 3.35
MG MG I . -7.24 -6.87 -2.25
#